data_3GW8
#
_entry.id   3GW8
#
_cell.length_a   45.175
_cell.length_b   49.112
_cell.length_c   62.590
_cell.angle_alpha   106.420
_cell.angle_beta   91.180
_cell.angle_gamma   107.610
#
_symmetry.space_group_name_H-M   'P 1'
#
loop_
_entity.id
_entity.type
_entity.pdbx_description
1 polymer '2,3-bisphosphoglycerate-dependent phosphoglycerate mutase'
2 non-polymer 'VANADATE ION'
3 non-polymer GLYCEROL
4 non-polymer 'TETRAETHYLENE GLYCOL'
5 water water
#
_entity_poly.entity_id   1
_entity_poly.type   'polypeptide(L)'
_entity_poly.pdbx_seq_one_letter_code
;MAHHHHHHMYKLVLIRHGESTWNKENRFTGWVDVDLTEQGNREARQAGQLLKEAGYTFDIAYTSVLKRAIRTLWHVQDQM
DLMYVPVVHSWRLNERHYGALSGLNKAETAAKYGDEQVLVWRRSYDTPPPALEPGDERAPYADPRYAKVPREQLPLTECL
KDTVARVLPLWNESIAPAVKAGKQVLIAAHGNSLRALIKYLDGISDADIVGLNIPNGVPLVYELDESLTPIRHYYLGDQE
AIAKAQAAVAQQGKSAA
;
_entity_poly.pdbx_strand_id   A,B
#
# COMPACT_ATOMS: atom_id res chain seq x y z
N MET A 9 3.22 -23.85 -15.09
CA MET A 9 4.41 -23.36 -14.37
C MET A 9 4.16 -21.95 -13.82
N TYR A 10 4.65 -21.69 -12.61
CA TYR A 10 4.43 -20.42 -11.94
C TYR A 10 5.76 -19.76 -11.60
N LYS A 11 5.79 -18.44 -11.54
CA LYS A 11 6.94 -17.72 -11.00
C LYS A 11 6.49 -16.99 -9.75
N LEU A 12 7.30 -17.08 -8.71
CA LEU A 12 7.08 -16.38 -7.45
C LEU A 12 8.36 -15.59 -7.19
N VAL A 13 8.23 -14.31 -6.86
CA VAL A 13 9.41 -13.48 -6.63
C VAL A 13 9.49 -13.07 -5.16
N LEU A 14 10.67 -13.19 -4.59
CA LEU A 14 10.95 -12.88 -3.20
C LEU A 14 11.98 -11.77 -3.14
N ILE A 15 11.87 -10.91 -2.14
CA ILE A 15 12.88 -9.89 -1.89
C ILE A 15 12.97 -9.56 -0.42
N ARG A 16 14.20 -9.50 0.10
CA ARG A 16 14.46 -9.06 1.46
C ARG A 16 14.46 -7.53 1.48
N HIS A 17 14.07 -6.95 2.58
CA HIS A 17 14.12 -5.50 2.70
C HIS A 17 15.51 -4.95 2.40
N GLY A 18 15.53 -3.71 1.91
CA GLY A 18 16.79 -3.00 1.72
C GLY A 18 17.48 -2.72 3.06
N GLU A 19 18.73 -2.25 2.99
CA GLU A 19 19.48 -1.92 4.20
C GLU A 19 18.67 -1.07 5.17
N SER A 20 18.56 -1.56 6.39
CA SER A 20 17.86 -0.85 7.47
C SER A 20 18.89 -0.10 8.33
N THR A 21 18.43 0.85 9.13
CA THR A 21 19.33 1.59 10.04
C THR A 21 20.09 0.65 10.97
N TRP A 22 19.43 -0.42 11.42
CA TRP A 22 20.10 -1.38 12.29
C TRP A 22 21.00 -2.36 11.54
N ASN A 23 20.75 -2.60 10.25
CA ASN A 23 21.75 -3.31 9.43
C ASN A 23 23.04 -2.49 9.42
N LYS A 24 22.90 -1.21 9.12
CA LYS A 24 24.04 -0.29 9.11
C LYS A 24 24.78 -0.31 10.46
N GLU A 25 24.03 -0.18 11.55
CA GLU A 25 24.59 -0.17 12.91
C GLU A 25 24.96 -1.56 13.47
N ASN A 26 24.84 -2.61 12.67
CA ASN A 26 25.20 -3.98 13.08
C ASN A 26 24.47 -4.43 14.36
N ARG A 27 23.16 -4.20 14.39
CA ARG A 27 22.33 -4.58 15.53
C ARG A 27 21.31 -5.66 15.14
N PHE A 28 21.01 -6.56 16.08
CA PHE A 28 19.91 -7.50 15.91
C PHE A 28 18.64 -6.66 15.91
N THR A 29 17.72 -6.94 14.99
CA THR A 29 16.50 -6.15 14.88
C THR A 29 15.23 -6.89 15.32
N GLY A 30 14.96 -8.04 14.71
CA GLY A 30 13.73 -8.78 14.96
C GLY A 30 12.48 -7.98 14.64
N TRP A 31 11.58 -7.81 15.62
CA TRP A 31 10.30 -7.12 15.40
C TRP A 31 10.35 -5.59 15.61
N VAL A 32 11.49 -5.04 16.02
CA VAL A 32 11.57 -3.58 16.20
C VAL A 32 11.43 -2.95 14.83
N ASP A 33 10.56 -1.95 14.74
CA ASP A 33 10.13 -1.41 13.47
C ASP A 33 11.04 -0.30 12.94
N VAL A 34 12.30 -0.65 12.67
CA VAL A 34 13.26 0.33 12.12
C VAL A 34 13.09 0.53 10.61
N ASP A 35 13.56 1.66 10.12
CA ASP A 35 13.33 2.08 8.75
C ASP A 35 14.56 1.85 7.90
N LEU A 36 14.40 2.07 6.61
CA LEU A 36 15.48 1.94 5.66
C LEU A 36 16.42 3.14 5.74
N THR A 37 17.69 2.88 5.46
CA THR A 37 18.66 3.93 5.18
C THR A 37 18.45 4.44 3.76
N GLU A 38 19.14 5.52 3.41
CA GLU A 38 19.15 5.98 2.03
C GLU A 38 19.69 4.87 1.10
N GLN A 39 20.71 4.16 1.55
CA GLN A 39 21.22 3.01 0.81
C GLN A 39 20.15 1.92 0.65
N GLY A 40 19.38 1.65 1.71
CA GLY A 40 18.25 0.72 1.60
C GLY A 40 17.18 1.19 0.61
N ASN A 41 16.87 2.47 0.66
CA ASN A 41 15.92 3.05 -0.30
C ASN A 41 16.40 2.82 -1.73
N ARG A 42 17.68 3.04 -1.96
CA ARG A 42 18.28 2.91 -3.28
C ARG A 42 18.29 1.46 -3.74
N GLU A 43 18.62 0.53 -2.84
CA GLU A 43 18.55 -0.89 -3.16
C GLU A 43 17.15 -1.26 -3.61
N ALA A 44 16.14 -0.78 -2.89
CA ALA A 44 14.74 -1.08 -3.22
C ALA A 44 14.37 -0.56 -4.61
N ARG A 45 14.74 0.68 -4.90
CA ARG A 45 14.46 1.28 -6.20
C ARG A 45 15.14 0.47 -7.31
N GLN A 46 16.41 0.10 -7.08
N GLN A 46 16.40 0.09 -7.09
CA GLN A 46 17.19 -0.66 -8.06
CA GLN A 46 17.15 -0.64 -8.10
C GLN A 46 16.55 -2.01 -8.37
C GLN A 46 16.55 -2.02 -8.38
N ALA A 47 16.04 -2.68 -7.34
CA ALA A 47 15.32 -3.95 -7.50
C ALA A 47 14.06 -3.78 -8.35
N GLY A 48 13.33 -2.69 -8.12
CA GLY A 48 12.16 -2.37 -8.93
C GLY A 48 12.48 -2.12 -10.41
N GLN A 49 13.52 -1.33 -10.68
N GLN A 49 13.52 -1.32 -10.66
CA GLN A 49 13.94 -1.10 -12.06
CA GLN A 49 14.01 -1.07 -12.02
C GLN A 49 14.42 -2.37 -12.75
C GLN A 49 14.40 -2.36 -12.72
N LEU A 50 15.12 -3.22 -12.02
CA LEU A 50 15.54 -4.52 -12.53
C LEU A 50 14.35 -5.43 -12.92
N LEU A 51 13.34 -5.50 -12.06
CA LEU A 51 12.12 -6.25 -12.40
C LEU A 51 11.38 -5.60 -13.58
N LYS A 52 11.29 -4.28 -13.59
CA LYS A 52 10.66 -3.55 -14.69
C LYS A 52 11.37 -3.84 -16.02
N GLU A 53 12.69 -3.74 -15.99
CA GLU A 53 13.49 -3.94 -17.21
C GLU A 53 13.40 -5.38 -17.74
N ALA A 54 13.28 -6.35 -16.83
CA ALA A 54 13.15 -7.75 -17.20
C ALA A 54 11.70 -8.13 -17.57
N GLY A 55 10.80 -7.16 -17.51
CA GLY A 55 9.41 -7.32 -17.96
C GLY A 55 8.52 -8.06 -16.98
N TYR A 56 8.97 -8.24 -15.75
CA TYR A 56 8.14 -8.80 -14.69
C TYR A 56 7.00 -7.88 -14.31
N THR A 57 5.88 -8.45 -13.92
CA THR A 57 4.80 -7.69 -13.33
C THR A 57 4.17 -8.49 -12.20
N PHE A 58 3.31 -7.84 -11.43
CA PHE A 58 2.64 -8.52 -10.34
C PHE A 58 1.18 -8.14 -10.27
N ASP A 59 0.39 -9.09 -9.79
CA ASP A 59 -1.03 -8.90 -9.54
C ASP A 59 -1.32 -8.59 -8.08
N ILE A 60 -0.44 -9.03 -7.18
CA ILE A 60 -0.64 -8.95 -5.75
C ILE A 60 0.71 -9.02 -5.09
N ALA A 61 0.83 -8.43 -3.91
CA ALA A 61 2.05 -8.56 -3.12
C ALA A 61 1.68 -8.87 -1.69
N TYR A 62 2.59 -9.59 -1.03
CA TYR A 62 2.53 -9.86 0.40
C TYR A 62 3.72 -9.23 1.07
N THR A 63 3.51 -8.69 2.26
CA THR A 63 4.60 -8.16 3.04
C THR A 63 4.29 -8.28 4.54
N SER A 64 5.22 -7.84 5.38
CA SER A 64 5.08 -7.89 6.84
C SER A 64 4.32 -6.68 7.35
N VAL A 65 4.33 -6.45 8.67
CA VAL A 65 3.80 -5.18 9.23
C VAL A 65 4.93 -4.21 9.57
N LEU A 66 6.15 -4.54 9.14
CA LEU A 66 7.35 -3.83 9.52
C LEU A 66 7.77 -2.95 8.36
N LYS A 67 8.01 -1.67 8.64
CA LYS A 67 8.13 -0.65 7.60
C LYS A 67 9.34 -0.77 6.69
N ARG A 68 10.39 -1.43 7.15
CA ARG A 68 11.56 -1.66 6.30
C ARG A 68 11.22 -2.54 5.11
N ALA A 69 10.36 -3.54 5.34
CA ALA A 69 9.88 -4.40 4.25
C ALA A 69 8.82 -3.68 3.40
N ILE A 70 7.90 -2.97 4.05
CA ILE A 70 6.80 -2.32 3.35
C ILE A 70 7.33 -1.22 2.43
N ARG A 71 8.26 -0.42 2.95
CA ARG A 71 8.85 0.67 2.16
C ARG A 71 9.67 0.13 0.99
N THR A 72 10.34 -1.00 1.20
CA THR A 72 10.98 -1.73 0.12
C THR A 72 9.98 -2.08 -0.99
N LEU A 73 8.84 -2.64 -0.60
CA LEU A 73 7.74 -2.91 -1.53
C LEU A 73 7.28 -1.61 -2.21
N TRP A 74 7.10 -0.53 -1.44
CA TRP A 74 6.66 0.74 -2.02
C TRP A 74 7.55 1.17 -3.17
N HIS A 75 8.87 1.15 -2.96
CA HIS A 75 9.84 1.49 -4.00
C HIS A 75 9.74 0.56 -5.20
N VAL A 76 9.57 -0.74 -4.97
CA VAL A 76 9.43 -1.67 -6.06
C VAL A 76 8.19 -1.28 -6.88
N GLN A 77 7.06 -1.09 -6.17
CA GLN A 77 5.80 -0.68 -6.78
C GLN A 77 5.89 0.63 -7.58
N ASP A 78 6.59 1.58 -7.02
CA ASP A 78 6.74 2.91 -7.61
C ASP A 78 7.51 2.78 -8.95
N GLN A 79 8.68 2.16 -8.89
CA GLN A 79 9.51 1.95 -10.08
C GLN A 79 8.80 1.11 -11.15
N MET A 80 7.91 0.19 -10.73
CA MET A 80 7.23 -0.71 -11.67
C MET A 80 5.90 -0.17 -12.18
N ASP A 81 5.45 0.96 -11.63
CA ASP A 81 4.09 1.50 -11.90
C ASP A 81 3.02 0.49 -11.49
N LEU A 82 3.17 -0.05 -10.28
CA LEU A 82 2.24 -1.02 -9.73
C LEU A 82 1.75 -0.59 -8.35
N MET A 83 1.57 0.71 -8.16
CA MET A 83 1.17 1.25 -6.85
C MET A 83 -0.26 0.90 -6.49
N TYR A 84 -1.02 0.42 -7.48
CA TYR A 84 -2.44 0.17 -7.34
C TYR A 84 -2.78 -1.28 -6.99
N VAL A 85 -1.80 -2.18 -6.96
CA VAL A 85 -2.10 -3.61 -6.76
C VAL A 85 -2.46 -3.91 -5.30
N PRO A 86 -3.29 -4.95 -5.06
CA PRO A 86 -3.57 -5.32 -3.66
C PRO A 86 -2.30 -5.76 -2.93
N VAL A 87 -2.19 -5.34 -1.68
CA VAL A 87 -1.08 -5.73 -0.85
C VAL A 87 -1.64 -6.31 0.44
N VAL A 88 -1.17 -7.50 0.80
CA VAL A 88 -1.53 -8.12 2.07
C VAL A 88 -0.36 -7.94 3.01
N HIS A 89 -0.58 -7.22 4.10
CA HIS A 89 0.42 -7.01 5.14
C HIS A 89 0.12 -7.98 6.27
N SER A 90 1.07 -8.85 6.60
CA SER A 90 0.83 -9.87 7.62
C SER A 90 1.97 -9.98 8.63
N TRP A 91 1.61 -9.92 9.91
CA TRP A 91 2.57 -10.17 10.97
C TRP A 91 3.28 -11.54 10.78
N ARG A 92 2.61 -12.48 10.12
CA ARG A 92 3.23 -13.78 9.82
C ARG A 92 4.48 -13.72 8.95
N LEU A 93 4.67 -12.62 8.22
CA LEU A 93 5.90 -12.42 7.43
C LEU A 93 6.99 -11.64 8.17
N ASN A 94 6.70 -11.21 9.39
CA ASN A 94 7.66 -10.48 10.20
C ASN A 94 8.93 -11.30 10.31
N GLU A 95 10.04 -10.58 10.40
CA GLU A 95 11.32 -11.16 10.74
C GLU A 95 11.24 -12.02 12.00
N ARG A 96 12.15 -12.97 12.13
CA ARG A 96 12.27 -13.75 13.34
C ARG A 96 12.40 -12.83 14.55
N HIS A 97 11.64 -13.12 15.61
CA HIS A 97 11.69 -12.34 16.85
C HIS A 97 12.97 -12.64 17.62
N TYR A 98 13.78 -11.61 17.85
CA TYR A 98 15.10 -11.79 18.49
C TYR A 98 15.14 -11.62 20.02
N GLY A 99 13.98 -11.48 20.66
CA GLY A 99 13.90 -11.42 22.12
C GLY A 99 14.67 -10.27 22.73
N ALA A 100 15.37 -10.54 23.83
CA ALA A 100 16.10 -9.52 24.56
C ALA A 100 17.39 -9.09 23.86
N LEU A 101 17.76 -9.75 22.76
CA LEU A 101 18.89 -9.30 21.94
C LEU A 101 18.50 -8.19 20.97
N SER A 102 17.21 -7.97 20.78
CA SER A 102 16.73 -6.94 19.86
C SER A 102 17.27 -5.58 20.26
N GLY A 103 18.05 -4.95 19.37
CA GLY A 103 18.66 -3.64 19.65
C GLY A 103 20.13 -3.68 20.06
N LEU A 104 20.65 -4.86 20.32
CA LEU A 104 22.05 -5.01 20.73
C LEU A 104 22.97 -5.08 19.52
N ASN A 105 24.13 -4.42 19.64
CA ASN A 105 25.17 -4.55 18.63
C ASN A 105 25.72 -5.97 18.63
N LYS A 106 25.80 -6.59 17.46
CA LYS A 106 26.19 -8.00 17.36
C LYS A 106 27.63 -8.28 17.81
N ALA A 107 28.55 -7.37 17.51
CA ALA A 107 29.97 -7.54 17.85
C ALA A 107 30.18 -7.41 19.38
N GLU A 108 29.51 -6.41 19.97
CA GLU A 108 29.53 -6.22 21.43
C GLU A 108 28.86 -7.39 22.17
N THR A 109 27.87 -8.02 21.54
CA THR A 109 27.22 -9.18 22.14
C THR A 109 28.14 -10.41 22.17
N ALA A 110 28.78 -10.69 21.02
CA ALA A 110 29.74 -11.80 20.91
C ALA A 110 30.95 -11.58 21.83
N ALA A 111 31.36 -10.32 21.98
CA ALA A 111 32.44 -9.95 22.90
C ALA A 111 32.09 -10.26 24.35
N LYS A 112 30.83 -10.00 24.74
CA LYS A 112 30.39 -10.23 26.11
C LYS A 112 30.16 -11.72 26.39
N TYR A 113 29.36 -12.36 25.55
CA TYR A 113 28.90 -13.75 25.81
C TYR A 113 29.75 -14.83 25.14
N GLY A 114 30.55 -14.43 24.16
CA GLY A 114 31.38 -15.38 23.41
C GLY A 114 30.77 -15.78 22.08
N ASP A 115 31.64 -16.03 21.09
CA ASP A 115 31.21 -16.45 19.76
C ASP A 115 30.34 -17.72 19.78
N GLU A 116 30.64 -18.62 20.72
CA GLU A 116 29.95 -19.91 20.81
C GLU A 116 28.49 -19.68 21.19
N GLN A 117 28.29 -18.86 22.22
CA GLN A 117 26.95 -18.55 22.71
C GLN A 117 26.13 -17.81 21.65
N VAL A 118 26.76 -16.88 20.95
CA VAL A 118 26.06 -16.12 19.91
C VAL A 118 25.77 -16.99 18.68
N LEU A 119 26.64 -17.96 18.42
CA LEU A 119 26.42 -18.94 17.34
C LEU A 119 25.09 -19.67 17.55
N VAL A 120 24.83 -20.04 18.80
CA VAL A 120 23.61 -20.72 19.16
C VAL A 120 22.40 -19.82 18.90
N TRP A 121 22.46 -18.59 19.43
CA TRP A 121 21.34 -17.65 19.28
C TRP A 121 21.05 -17.29 17.82
N ARG A 122 22.06 -17.29 16.98
CA ARG A 122 21.88 -16.96 15.57
C ARG A 122 21.47 -18.18 14.72
N ARG A 123 22.01 -19.37 15.05
CA ARG A 123 21.91 -20.53 14.16
C ARG A 123 21.21 -21.79 14.69
N SER A 124 20.97 -21.88 16.00
CA SER A 124 20.29 -23.06 16.53
C SER A 124 18.85 -23.02 16.06
N TYR A 125 18.48 -24.00 15.23
CA TYR A 125 17.15 -24.06 14.64
C TYR A 125 16.03 -24.07 15.66
N ASP A 126 16.25 -24.76 16.79
CA ASP A 126 15.19 -25.04 17.76
C ASP A 126 15.39 -24.44 19.15
N THR A 127 16.41 -23.59 19.30
CA THR A 127 16.68 -22.93 20.58
C THR A 127 16.64 -21.42 20.39
N PRO A 128 15.69 -20.74 21.09
CA PRO A 128 15.54 -19.29 20.87
C PRO A 128 16.54 -18.47 21.67
N PRO A 129 16.74 -17.19 21.28
CA PRO A 129 17.47 -16.28 22.15
C PRO A 129 16.72 -16.02 23.46
N PRO A 130 17.39 -15.37 24.43
CA PRO A 130 16.68 -15.02 25.66
C PRO A 130 15.49 -14.12 25.40
N ALA A 131 14.41 -14.39 26.12
CA ALA A 131 13.11 -13.75 25.89
C ALA A 131 13.09 -12.34 26.44
N LEU A 132 12.28 -11.50 25.81
CA LEU A 132 11.82 -10.29 26.47
C LEU A 132 11.02 -10.65 27.73
N GLU A 133 11.18 -9.87 28.79
CA GLU A 133 10.21 -9.83 29.88
C GLU A 133 8.87 -9.36 29.32
N PRO A 134 7.75 -9.89 29.85
CA PRO A 134 6.43 -9.52 29.36
C PRO A 134 6.15 -8.02 29.40
N GLY A 135 6.73 -7.32 30.37
CA GLY A 135 6.53 -5.88 30.53
C GLY A 135 7.54 -5.01 29.81
N ASP A 136 8.40 -5.60 28.99
CA ASP A 136 9.39 -4.83 28.24
C ASP A 136 8.66 -3.87 27.30
N GLU A 137 9.26 -2.72 27.04
CA GLU A 137 8.69 -1.75 26.08
C GLU A 137 8.60 -2.39 24.69
N ARG A 138 9.52 -3.31 24.40
CA ARG A 138 9.62 -3.94 23.10
C ARG A 138 8.63 -5.11 22.90
N ALA A 139 7.88 -5.48 23.95
CA ALA A 139 6.87 -6.55 23.86
C ALA A 139 5.74 -6.12 22.93
N PRO A 140 5.05 -7.10 22.30
CA PRO A 140 4.10 -6.74 21.24
C PRO A 140 2.64 -6.47 21.65
N TYR A 141 2.33 -6.60 22.94
CA TYR A 141 0.93 -6.75 23.37
C TYR A 141 0.06 -5.50 23.22
N ALA A 142 0.64 -4.32 23.30
CA ALA A 142 -0.10 -3.05 23.17
C ALA A 142 0.00 -2.47 21.75
N ASP A 143 0.59 -3.20 20.82
CA ASP A 143 0.86 -2.68 19.47
C ASP A 143 -0.34 -2.92 18.57
N PRO A 144 -0.92 -1.86 17.99
CA PRO A 144 -2.09 -2.07 17.15
C PRO A 144 -1.87 -3.03 15.96
N ARG A 145 -0.62 -3.21 15.52
CA ARG A 145 -0.33 -4.18 14.46
C ARG A 145 -0.81 -5.61 14.81
N TYR A 146 -0.79 -5.94 16.09
CA TYR A 146 -1.03 -7.31 16.55
C TYR A 146 -2.31 -7.44 17.39
N ALA A 147 -3.20 -6.46 17.31
CA ALA A 147 -4.40 -6.37 18.16
C ALA A 147 -5.39 -7.53 17.98
N LYS A 148 -5.37 -8.18 16.83
CA LYS A 148 -6.30 -9.27 16.56
C LYS A 148 -5.63 -10.64 16.58
N VAL A 149 -4.34 -10.65 16.93
CA VAL A 149 -3.59 -11.89 17.11
C VAL A 149 -3.79 -12.35 18.55
N PRO A 150 -4.17 -13.62 18.75
CA PRO A 150 -4.33 -14.06 20.14
C PRO A 150 -3.03 -13.86 20.93
N ARG A 151 -3.13 -13.37 22.17
CA ARG A 151 -1.95 -13.08 23.00
C ARG A 151 -0.99 -14.27 23.07
N GLU A 152 -1.55 -15.47 23.15
CA GLU A 152 -0.75 -16.70 23.22
C GLU A 152 0.15 -16.92 22.01
N GLN A 153 -0.27 -16.46 20.83
CA GLN A 153 0.50 -16.66 19.61
C GLN A 153 1.59 -15.59 19.41
N LEU A 154 1.59 -14.55 20.24
CA LEU A 154 2.57 -13.47 20.10
C LEU A 154 3.90 -13.85 20.82
N PRO A 155 5.03 -13.79 20.11
CA PRO A 155 6.30 -14.21 20.69
C PRO A 155 6.99 -13.13 21.52
N LEU A 156 7.72 -13.57 22.55
CA LEU A 156 8.67 -12.71 23.28
C LEU A 156 10.10 -13.08 22.87
N THR A 157 10.20 -14.10 22.01
CA THR A 157 11.44 -14.57 21.40
C THR A 157 11.09 -15.67 20.39
N GLU A 158 11.99 -15.93 19.44
CA GLU A 158 11.79 -16.98 18.44
C GLU A 158 13.07 -17.69 17.99
N CYS A 159 13.00 -19.01 17.82
CA CYS A 159 14.01 -19.73 17.07
C CYS A 159 13.44 -19.88 15.68
N LEU A 160 14.27 -20.21 14.70
CA LEU A 160 13.82 -20.29 13.33
C LEU A 160 12.64 -21.27 13.20
N LYS A 161 12.68 -22.36 13.97
CA LYS A 161 11.55 -23.31 14.00
C LYS A 161 10.22 -22.64 14.29
N ASP A 162 10.22 -21.74 15.26
CA ASP A 162 9.04 -20.94 15.60
C ASP A 162 8.62 -20.13 14.40
N THR A 163 9.59 -19.49 13.75
CA THR A 163 9.33 -18.62 12.61
C THR A 163 8.69 -19.38 11.44
N VAL A 164 9.24 -20.53 11.10
CA VAL A 164 8.62 -21.44 10.12
C VAL A 164 7.16 -21.75 10.49
N ALA A 165 6.91 -22.15 11.74
CA ALA A 165 5.54 -22.51 12.14
C ALA A 165 4.60 -21.33 11.97
N ARG A 166 5.10 -20.12 12.21
CA ARG A 166 4.28 -18.91 12.09
C ARG A 166 4.03 -18.42 10.64
N VAL A 167 4.97 -18.69 9.74
CA VAL A 167 4.89 -18.21 8.36
C VAL A 167 3.97 -19.12 7.54
N LEU A 168 4.09 -20.43 7.72
CA LEU A 168 3.48 -21.39 6.81
C LEU A 168 1.97 -21.28 6.66
N PRO A 169 1.24 -20.93 7.74
CA PRO A 169 -0.20 -20.75 7.60
C PRO A 169 -0.58 -19.67 6.58
N LEU A 170 0.22 -18.61 6.47
CA LEU A 170 -0.02 -17.58 5.46
C LEU A 170 0.15 -18.15 4.05
N TRP A 171 1.15 -19.01 3.87
CA TRP A 171 1.37 -19.68 2.60
C TRP A 171 0.18 -20.59 2.25
N ASN A 172 -0.16 -21.48 3.19
CA ASN A 172 -1.26 -22.43 2.98
C ASN A 172 -2.59 -21.75 2.74
N GLU A 173 -2.87 -20.70 3.50
CA GLU A 173 -4.17 -20.11 3.52
C GLU A 173 -4.37 -19.06 2.44
N SER A 174 -3.29 -18.41 2.01
CA SER A 174 -3.45 -17.27 1.11
C SER A 174 -2.52 -17.26 -0.10
N ILE A 175 -1.21 -17.41 0.13
CA ILE A 175 -0.25 -17.22 -0.96
C ILE A 175 -0.32 -18.36 -1.99
N ALA A 176 -0.36 -19.61 -1.51
CA ALA A 176 -0.43 -20.75 -2.41
C ALA A 176 -1.71 -20.71 -3.28
N PRO A 177 -2.88 -20.48 -2.68
CA PRO A 177 -4.11 -20.29 -3.48
C PRO A 177 -4.04 -19.12 -4.47
N ALA A 178 -3.39 -18.03 -4.07
CA ALA A 178 -3.08 -16.93 -4.98
C ALA A 178 -2.31 -17.41 -6.21
N VAL A 179 -1.20 -18.11 -5.99
CA VAL A 179 -0.35 -18.62 -7.07
C VAL A 179 -1.11 -19.59 -7.99
N LYS A 180 -1.82 -20.54 -7.39
CA LYS A 180 -2.60 -21.49 -8.17
C LYS A 180 -3.72 -20.84 -9.00
N ALA A 181 -4.22 -19.69 -8.55
CA ALA A 181 -5.24 -18.95 -9.31
C ALA A 181 -4.63 -18.13 -10.44
N GLY A 182 -3.31 -18.16 -10.59
CA GLY A 182 -2.63 -17.50 -11.71
C GLY A 182 -2.27 -16.06 -11.43
N LYS A 183 -2.40 -15.64 -10.17
CA LYS A 183 -1.93 -14.35 -9.72
C LYS A 183 -0.41 -14.35 -9.67
N GLN A 184 0.20 -13.28 -10.18
CA GLN A 184 1.64 -13.11 -10.18
C GLN A 184 2.02 -12.43 -8.86
N VAL A 185 2.72 -13.18 -8.01
CA VAL A 185 2.94 -12.79 -6.62
C VAL A 185 4.36 -12.31 -6.37
N LEU A 186 4.45 -11.22 -5.62
CA LEU A 186 5.69 -10.72 -5.06
C LEU A 186 5.61 -10.78 -3.53
N ILE A 187 6.66 -11.24 -2.87
CA ILE A 187 6.73 -11.22 -1.40
C ILE A 187 7.92 -10.36 -0.96
N ALA A 188 7.65 -9.26 -0.24
CA ALA A 188 8.69 -8.39 0.23
C ALA A 188 8.75 -8.55 1.75
N ALA A 189 9.82 -9.19 2.22
CA ALA A 189 9.86 -9.56 3.63
C ALA A 189 11.28 -9.45 4.19
N HIS A 190 11.65 -10.44 5.02
CA HIS A 190 12.83 -10.36 5.87
C HIS A 190 13.68 -11.63 5.73
N GLY A 191 14.93 -11.54 6.17
CA GLY A 191 15.86 -12.66 6.02
C GLY A 191 15.30 -13.98 6.49
N ASN A 192 14.88 -14.04 7.76
CA ASN A 192 14.45 -15.32 8.33
C ASN A 192 13.05 -15.77 7.94
N SER A 193 12.16 -14.82 7.65
CA SER A 193 10.82 -15.21 7.20
C SER A 193 10.91 -15.80 5.78
N LEU A 194 11.82 -15.26 4.96
CA LEU A 194 12.07 -15.80 3.61
C LEU A 194 12.82 -17.13 3.67
N ARG A 195 13.79 -17.25 4.57
CA ARG A 195 14.42 -18.55 4.82
C ARG A 195 13.43 -19.61 5.22
N ALA A 196 12.46 -19.23 6.06
CA ALA A 196 11.43 -20.15 6.48
C ALA A 196 10.64 -20.67 5.28
N LEU A 197 10.29 -19.76 4.36
CA LEU A 197 9.51 -20.14 3.18
C LEU A 197 10.35 -20.99 2.21
N ILE A 198 11.60 -20.59 2.01
CA ILE A 198 12.52 -21.30 1.15
C ILE A 198 12.82 -22.72 1.68
N LYS A 199 12.91 -22.85 3.01
CA LYS A 199 13.11 -24.15 3.66
C LYS A 199 11.99 -25.10 3.30
N TYR A 200 10.76 -24.62 3.37
CA TYR A 200 9.59 -25.41 3.02
C TYR A 200 9.49 -25.73 1.54
N LEU A 201 9.71 -24.71 0.71
CA LEU A 201 9.67 -24.88 -0.74
C LEU A 201 10.72 -25.88 -1.23
N ASP A 202 11.97 -25.67 -0.81
CA ASP A 202 13.09 -26.52 -1.29
C ASP A 202 13.33 -27.76 -0.40
N GLY A 203 12.58 -27.91 0.69
CA GLY A 203 12.74 -29.09 1.55
C GLY A 203 14.14 -29.20 2.13
N ILE A 204 14.65 -28.06 2.57
CA ILE A 204 16.00 -27.93 3.08
C ILE A 204 15.98 -28.41 4.53
N SER A 205 17.03 -29.09 4.96
CA SER A 205 17.08 -29.69 6.30
C SER A 205 17.23 -28.62 7.38
N ASP A 206 17.04 -29.02 8.64
CA ASP A 206 17.23 -28.12 9.78
C ASP A 206 18.64 -27.56 9.83
N ALA A 207 19.62 -28.43 9.54
CA ALA A 207 21.03 -28.08 9.55
C ALA A 207 21.44 -27.14 8.41
N ASP A 208 20.93 -27.43 7.20
CA ASP A 208 21.31 -26.66 6.01
C ASP A 208 20.78 -25.24 6.02
N ILE A 209 19.55 -25.07 6.48
CA ILE A 209 18.87 -23.78 6.35
C ILE A 209 19.55 -22.67 7.14
N VAL A 210 20.14 -23.02 8.29
CA VAL A 210 20.85 -22.06 9.16
C VAL A 210 21.99 -21.29 8.48
N GLY A 211 22.56 -21.86 7.42
CA GLY A 211 23.64 -21.22 6.68
C GLY A 211 23.25 -20.42 5.44
N LEU A 212 21.96 -20.38 5.09
CA LEU A 212 21.51 -19.61 3.92
C LEU A 212 21.44 -18.12 4.25
N ASN A 213 22.17 -17.30 3.50
CA ASN A 213 22.12 -15.85 3.70
C ASN A 213 21.49 -15.17 2.48
N ILE A 214 20.51 -14.29 2.72
CA ILE A 214 19.82 -13.61 1.65
C ILE A 214 20.22 -12.13 1.72
N PRO A 215 20.77 -11.59 0.62
CA PRO A 215 21.17 -10.20 0.64
C PRO A 215 19.98 -9.22 0.60
N ASN A 216 20.21 -8.00 1.05
CA ASN A 216 19.19 -6.95 1.05
C ASN A 216 18.78 -6.58 -0.39
N GLY A 217 17.48 -6.55 -0.65
CA GLY A 217 16.94 -5.96 -1.87
C GLY A 217 17.39 -6.54 -3.20
N VAL A 218 17.50 -7.87 -3.26
CA VAL A 218 17.83 -8.57 -4.50
C VAL A 218 16.66 -9.51 -4.81
N PRO A 219 15.99 -9.32 -5.96
CA PRO A 219 14.89 -10.23 -6.31
C PRO A 219 15.35 -11.67 -6.48
N LEU A 220 14.65 -12.58 -5.81
CA LEU A 220 14.94 -14.00 -5.90
C LEU A 220 13.73 -14.66 -6.52
N VAL A 221 13.93 -15.20 -7.71
CA VAL A 221 12.86 -15.76 -8.51
C VAL A 221 12.80 -17.26 -8.31
N TYR A 222 11.61 -17.77 -7.96
CA TYR A 222 11.34 -19.20 -7.89
C TYR A 222 10.41 -19.57 -9.05
N GLU A 223 10.78 -20.62 -9.79
CA GLU A 223 9.90 -21.23 -10.77
C GLU A 223 9.33 -22.49 -10.13
N LEU A 224 8.01 -22.58 -10.06
CA LEU A 224 7.31 -23.70 -9.44
C LEU A 224 6.49 -24.45 -10.48
N ASP A 225 6.36 -25.76 -10.30
CA ASP A 225 5.51 -26.59 -11.18
C ASP A 225 4.07 -26.60 -10.69
N GLU A 226 3.29 -27.51 -11.26
CA GLU A 226 1.85 -27.66 -10.98
C GLU A 226 1.52 -27.96 -9.51
N SER A 227 2.46 -28.59 -8.80
CA SER A 227 2.27 -28.93 -7.40
C SER A 227 3.00 -27.94 -6.48
N LEU A 228 3.35 -26.78 -7.03
CA LEU A 228 4.08 -25.72 -6.31
C LEU A 228 5.46 -26.18 -5.82
N THR A 229 5.98 -27.23 -6.46
CA THR A 229 7.32 -27.73 -6.17
C THR A 229 8.31 -27.00 -7.06
N PRO A 230 9.39 -26.44 -6.46
CA PRO A 230 10.39 -25.73 -7.25
C PRO A 230 11.01 -26.54 -8.37
N ILE A 231 11.17 -25.88 -9.51
CA ILE A 231 11.92 -26.40 -10.66
C ILE A 231 13.33 -25.83 -10.58
N ARG A 232 13.42 -24.53 -10.33
CA ARG A 232 14.68 -23.83 -10.20
C ARG A 232 14.44 -22.46 -9.54
N HIS A 233 15.51 -21.87 -9.02
CA HIS A 233 15.44 -20.52 -8.48
C HIS A 233 16.71 -19.78 -8.84
N TYR A 234 16.64 -18.45 -8.86
CA TYR A 234 17.77 -17.60 -9.25
C TYR A 234 17.57 -16.14 -8.84
N TYR A 235 18.66 -15.48 -8.46
CA TYR A 235 18.63 -14.03 -8.24
C TYR A 235 18.64 -13.32 -9.59
N LEU A 236 18.02 -12.14 -9.64
CA LEU A 236 18.12 -11.28 -10.81
C LEU A 236 19.22 -10.25 -10.58
N GLY A 237 19.91 -9.86 -11.65
CA GLY A 237 20.92 -8.79 -11.59
C GLY A 237 22.36 -9.30 -11.71
N ASP A 238 23.29 -8.52 -11.16
CA ASP A 238 24.73 -8.80 -11.26
C ASP A 238 25.14 -10.03 -10.43
N MET B 9 -21.96 7.09 17.04
CA MET B 9 -21.22 8.13 16.27
C MET B 9 -19.92 7.55 15.69
N TYR B 10 -19.73 7.71 14.38
CA TYR B 10 -18.52 7.29 13.68
C TYR B 10 -17.86 8.50 13.06
N LYS B 11 -16.56 8.41 12.80
CA LYS B 11 -15.87 9.44 12.03
C LYS B 11 -15.33 8.83 10.76
N LEU B 12 -15.38 9.58 9.67
CA LEU B 12 -14.86 9.14 8.38
C LEU B 12 -14.03 10.31 7.90
N VAL B 13 -12.78 10.04 7.50
CA VAL B 13 -11.91 11.11 7.02
C VAL B 13 -11.69 10.97 5.50
N LEU B 14 -11.79 12.11 4.81
CA LEU B 14 -11.58 12.20 3.37
C LEU B 14 -10.43 13.15 3.05
N ILE B 15 -9.70 12.86 1.99
CA ILE B 15 -8.64 13.74 1.56
C ILE B 15 -8.47 13.66 0.06
N ARG B 16 -8.44 14.84 -0.57
CA ARG B 16 -8.12 14.97 -2.00
C ARG B 16 -6.60 14.91 -2.18
N HIS B 17 -6.17 14.33 -3.29
CA HIS B 17 -4.76 14.19 -3.57
C HIS B 17 -4.06 15.54 -3.50
N GLY B 18 -2.77 15.52 -3.15
CA GLY B 18 -1.93 16.71 -3.21
C GLY B 18 -1.77 17.23 -4.65
N GLU B 19 -1.31 18.48 -4.78
CA GLU B 19 -1.07 19.07 -6.11
C GLU B 19 -0.38 18.10 -7.07
N SER B 20 -1.00 17.88 -8.23
CA SER B 20 -0.45 17.05 -9.29
C SER B 20 0.29 17.90 -10.33
N THR B 21 1.14 17.26 -11.12
CA THR B 21 1.83 17.97 -12.20
C THR B 21 0.86 18.72 -13.09
N TRP B 22 -0.29 18.13 -13.38
CA TRP B 22 -1.27 18.72 -14.28
C TRP B 22 -2.16 19.76 -13.61
N ASN B 23 -2.28 19.70 -12.28
CA ASN B 23 -2.83 20.84 -11.53
C ASN B 23 -1.93 22.03 -11.79
N LYS B 24 -0.62 21.85 -11.56
CA LYS B 24 0.38 22.91 -11.75
C LYS B 24 0.41 23.43 -13.19
N GLU B 25 0.36 22.50 -14.16
CA GLU B 25 0.34 22.83 -15.60
C GLU B 25 -1.03 23.29 -16.12
N ASN B 26 -2.06 23.33 -15.25
CA ASN B 26 -3.41 23.79 -15.60
C ASN B 26 -4.08 22.94 -16.69
N ARG B 27 -3.96 21.62 -16.58
CA ARG B 27 -4.50 20.70 -17.58
C ARG B 27 -5.59 19.83 -16.98
N PHE B 28 -6.66 19.56 -17.74
CA PHE B 28 -7.68 18.59 -17.31
C PHE B 28 -6.98 17.23 -17.16
N THR B 29 -7.29 16.47 -16.13
CA THR B 29 -6.56 15.21 -15.89
C THR B 29 -7.43 13.97 -16.09
N GLY B 30 -8.53 13.89 -15.35
CA GLY B 30 -9.38 12.69 -15.37
C GLY B 30 -8.60 11.42 -15.02
N TRP B 31 -8.67 10.42 -15.89
CA TRP B 31 -8.06 9.11 -15.59
C TRP B 31 -6.59 9.04 -15.98
N VAL B 32 -6.01 10.11 -16.52
CA VAL B 32 -4.58 10.10 -16.83
C VAL B 32 -3.79 10.04 -15.52
N ASP B 33 -2.80 9.14 -15.50
CA ASP B 33 -2.15 8.75 -14.24
C ASP B 33 -0.93 9.60 -13.90
N VAL B 34 -1.13 10.90 -13.73
CA VAL B 34 -0.04 11.84 -13.44
C VAL B 34 0.29 11.82 -11.96
N ASP B 35 1.51 12.23 -11.66
CA ASP B 35 2.04 12.12 -10.32
C ASP B 35 2.00 13.45 -9.59
N LEU B 36 2.44 13.42 -8.34
CA LEU B 36 2.44 14.59 -7.49
C LEU B 36 3.63 15.50 -7.83
N THR B 37 3.47 16.79 -7.61
CA THR B 37 4.63 17.70 -7.66
C THR B 37 5.32 17.65 -6.30
N GLU B 38 6.49 18.30 -6.20
CA GLU B 38 7.16 18.49 -4.92
C GLU B 38 6.18 19.02 -3.86
N GLN B 39 5.45 20.09 -4.20
CA GLN B 39 4.42 20.69 -3.35
C GLN B 39 3.28 19.74 -2.98
N GLY B 40 2.84 18.92 -3.94
CA GLY B 40 1.82 17.93 -3.67
C GLY B 40 2.27 16.90 -2.63
N ASN B 41 3.53 16.47 -2.75
CA ASN B 41 4.16 15.62 -1.73
C ASN B 41 4.20 16.29 -0.36
N ARG B 42 4.50 17.59 -0.37
CA ARG B 42 4.59 18.39 0.85
C ARG B 42 3.21 18.50 1.47
N GLU B 43 2.22 18.78 0.64
CA GLU B 43 0.85 18.84 1.09
C GLU B 43 0.41 17.54 1.77
N ALA B 44 0.75 16.41 1.16
CA ALA B 44 0.40 15.10 1.69
C ALA B 44 1.03 14.84 3.05
N ARG B 45 2.33 15.12 3.16
CA ARG B 45 3.05 14.98 4.44
C ARG B 45 2.46 15.88 5.52
N GLN B 46 2.10 17.11 5.16
CA GLN B 46 1.52 18.04 6.13
C GLN B 46 0.17 17.53 6.65
N ALA B 47 -0.65 16.97 5.74
CA ALA B 47 -1.95 16.39 6.10
C ALA B 47 -1.79 15.21 7.07
N GLY B 48 -0.82 14.35 6.78
CA GLY B 48 -0.48 13.23 7.66
C GLY B 48 -0.01 13.68 9.02
N GLN B 49 0.80 14.74 9.05
CA GLN B 49 1.32 15.27 10.32
C GLN B 49 0.19 15.91 11.13
N LEU B 50 -0.69 16.61 10.45
CA LEU B 50 -1.90 17.19 11.08
C LEU B 50 -2.77 16.13 11.75
N LEU B 51 -3.03 15.04 11.03
CA LEU B 51 -3.83 13.93 11.55
C LEU B 51 -3.14 13.24 12.75
N LYS B 52 -1.85 12.98 12.61
CA LYS B 52 -1.01 12.41 13.69
C LYS B 52 -1.07 13.25 14.97
N GLU B 53 -0.91 14.55 14.81
CA GLU B 53 -0.91 15.47 15.93
C GLU B 53 -2.30 15.61 16.55
N ALA B 54 -3.35 15.49 15.74
CA ALA B 54 -4.71 15.54 16.26
C ALA B 54 -5.16 14.21 16.87
N GLY B 55 -4.33 13.17 16.82
CA GLY B 55 -4.64 11.89 17.49
C GLY B 55 -5.50 10.92 16.70
N TYR B 56 -5.76 11.22 15.43
CA TYR B 56 -6.51 10.31 14.55
C TYR B 56 -5.69 9.08 14.24
N THR B 57 -6.37 7.96 14.03
CA THR B 57 -5.74 6.74 13.54
C THR B 57 -6.76 6.08 12.64
N PHE B 58 -6.28 5.14 11.83
CA PHE B 58 -7.11 4.40 10.91
C PHE B 58 -6.77 2.92 10.99
N ASP B 59 -7.80 2.10 10.74
CA ASP B 59 -7.67 0.65 10.59
C ASP B 59 -7.62 0.16 9.13
N ILE B 60 -8.03 1.02 8.20
CA ILE B 60 -8.15 0.65 6.80
C ILE B 60 -8.28 1.95 5.98
N ALA B 61 -7.79 1.93 4.75
CA ALA B 61 -7.95 3.06 3.83
C ALA B 61 -8.45 2.59 2.47
N TYR B 62 -9.19 3.48 1.81
CA TYR B 62 -9.63 3.31 0.43
C TYR B 62 -9.03 4.40 -0.44
N THR B 63 -8.64 4.03 -1.64
CA THR B 63 -8.11 4.97 -2.60
C THR B 63 -8.45 4.50 -4.01
N SER B 64 -8.00 5.26 -5.01
CA SER B 64 -8.26 4.96 -6.40
C SER B 64 -7.12 4.07 -6.93
N VAL B 65 -7.06 3.86 -8.24
CA VAL B 65 -5.89 3.18 -8.85
C VAL B 65 -4.90 4.20 -9.45
N LEU B 66 -5.11 5.48 -9.14
CA LEU B 66 -4.33 6.57 -9.72
C LEU B 66 -3.29 7.05 -8.72
N LYS B 67 -2.03 7.13 -9.16
CA LYS B 67 -0.90 7.28 -8.25
C LYS B 67 -0.87 8.61 -7.47
N ARG B 68 -1.49 9.66 -8.00
CA ARG B 68 -1.50 10.93 -7.28
C ARG B 68 -2.27 10.79 -5.96
N ALA B 69 -3.34 10.00 -5.98
CA ALA B 69 -4.08 9.69 -4.76
C ALA B 69 -3.39 8.67 -3.89
N ILE B 70 -2.80 7.64 -4.51
CA ILE B 70 -2.14 6.56 -3.77
C ILE B 70 -0.91 7.12 -3.03
N ARG B 71 -0.10 7.93 -3.72
CA ARG B 71 1.08 8.53 -3.09
C ARG B 71 0.73 9.53 -1.99
N THR B 72 -0.41 10.22 -2.13
CA THR B 72 -0.92 11.08 -1.06
C THR B 72 -1.24 10.20 0.16
N LEU B 73 -1.89 9.08 -0.09
CA LEU B 73 -2.15 8.09 0.99
C LEU B 73 -0.85 7.61 1.62
N TRP B 74 0.14 7.25 0.78
CA TRP B 74 1.42 6.80 1.30
C TRP B 74 2.07 7.80 2.23
N HIS B 75 2.04 9.07 1.87
CA HIS B 75 2.62 10.10 2.73
C HIS B 75 1.86 10.20 4.06
N VAL B 76 0.55 10.09 4.01
CA VAL B 76 -0.29 10.11 5.19
C VAL B 76 0.09 8.93 6.09
N GLN B 77 0.12 7.73 5.51
CA GLN B 77 0.49 6.51 6.24
C GLN B 77 1.87 6.61 6.87
N ASP B 78 2.83 7.09 6.08
CA ASP B 78 4.20 7.24 6.53
C ASP B 78 4.25 8.18 7.76
N GLN B 79 3.66 9.35 7.64
CA GLN B 79 3.69 10.31 8.74
C GLN B 79 2.97 9.81 9.99
N MET B 80 1.91 9.01 9.79
CA MET B 80 1.12 8.49 10.91
C MET B 80 1.63 7.16 11.46
N ASP B 81 2.64 6.58 10.82
CA ASP B 81 3.12 5.25 11.18
C ASP B 81 1.96 4.24 11.06
N LEU B 82 1.29 4.28 9.91
CA LEU B 82 0.22 3.33 9.56
C LEU B 82 0.47 2.67 8.18
N MET B 83 1.73 2.38 7.88
CA MET B 83 2.10 1.77 6.59
C MET B 83 1.62 0.30 6.45
N TYR B 84 1.21 -0.28 7.56
CA TYR B 84 0.82 -1.70 7.62
C TYR B 84 -0.66 -1.97 7.47
N VAL B 85 -1.51 -0.93 7.42
CA VAL B 85 -2.94 -1.12 7.34
C VAL B 85 -3.37 -1.60 5.96
N PRO B 86 -4.49 -2.37 5.90
CA PRO B 86 -5.03 -2.80 4.62
C PRO B 86 -5.50 -1.58 3.83
N VAL B 87 -5.25 -1.60 2.53
CA VAL B 87 -5.65 -0.55 1.62
C VAL B 87 -6.41 -1.18 0.44
N VAL B 88 -7.62 -0.72 0.20
CA VAL B 88 -8.38 -1.14 -0.96
C VAL B 88 -8.22 -0.08 -2.04
N HIS B 89 -7.68 -0.48 -3.19
CA HIS B 89 -7.56 0.41 -4.33
C HIS B 89 -8.69 0.05 -5.28
N SER B 90 -9.55 1.02 -5.60
CA SER B 90 -10.66 0.78 -6.50
C SER B 90 -10.75 1.82 -7.60
N TRP B 91 -10.94 1.34 -8.83
CA TRP B 91 -11.19 2.20 -9.98
C TRP B 91 -12.44 3.04 -9.72
N ARG B 92 -13.32 2.58 -8.85
CA ARG B 92 -14.53 3.38 -8.51
C ARG B 92 -14.26 4.71 -7.79
N LEU B 93 -13.06 4.88 -7.23
CA LEU B 93 -12.69 6.15 -6.59
C LEU B 93 -11.88 7.06 -7.53
N ASN B 94 -11.64 6.59 -8.76
CA ASN B 94 -11.00 7.40 -9.79
C ASN B 94 -11.70 8.73 -9.98
N GLU B 95 -10.90 9.76 -10.27
CA GLU B 95 -11.41 11.06 -10.65
C GLU B 95 -12.39 10.90 -11.81
N ARG B 96 -13.34 11.82 -11.91
N ARG B 96 -13.34 11.83 -11.92
CA ARG B 96 -14.26 11.86 -13.04
CA ARG B 96 -14.25 11.89 -13.07
C ARG B 96 -13.48 11.78 -14.36
C ARG B 96 -13.46 11.77 -14.37
N HIS B 97 -13.94 10.94 -15.29
CA HIS B 97 -13.27 10.77 -16.58
C HIS B 97 -13.54 12.01 -17.43
N TYR B 98 -12.49 12.59 -17.98
CA TYR B 98 -12.58 13.87 -18.70
C TYR B 98 -12.62 13.72 -20.22
N GLY B 99 -12.79 12.49 -20.71
CA GLY B 99 -12.89 12.22 -22.15
C GLY B 99 -11.81 12.89 -22.97
N ALA B 100 -12.17 13.43 -24.14
CA ALA B 100 -11.21 14.08 -25.02
C ALA B 100 -10.60 15.37 -24.47
N LEU B 101 -11.11 15.88 -23.35
CA LEU B 101 -10.48 17.05 -22.72
C LEU B 101 -9.25 16.66 -21.91
N SER B 102 -9.04 15.37 -21.70
CA SER B 102 -7.92 14.91 -20.89
C SER B 102 -6.57 15.34 -21.46
N GLY B 103 -5.80 16.06 -20.65
CA GLY B 103 -4.48 16.53 -21.05
C GLY B 103 -4.45 17.89 -21.70
N LEU B 104 -5.63 18.44 -22.03
CA LEU B 104 -5.70 19.76 -22.65
C LEU B 104 -5.58 20.84 -21.57
N ASN B 105 -4.92 21.93 -21.95
CA ASN B 105 -4.70 23.04 -21.06
C ASN B 105 -6.02 23.79 -20.95
N LYS B 106 -6.43 24.09 -19.72
CA LYS B 106 -7.77 24.63 -19.46
C LYS B 106 -7.93 26.06 -19.99
N ALA B 107 -6.86 26.84 -19.88
CA ALA B 107 -6.83 28.20 -20.42
C ALA B 107 -6.96 28.17 -21.95
N GLU B 108 -6.14 27.35 -22.61
CA GLU B 108 -6.20 27.17 -24.07
C GLU B 108 -7.57 26.72 -24.54
N THR B 109 -8.21 25.84 -23.77
CA THR B 109 -9.53 25.32 -24.09
C THR B 109 -10.60 26.41 -23.96
N ALA B 110 -10.51 27.24 -22.92
CA ALA B 110 -11.45 28.36 -22.73
C ALA B 110 -11.30 29.42 -23.83
N ALA B 111 -10.07 29.69 -24.25
CA ALA B 111 -9.82 30.58 -25.38
C ALA B 111 -10.56 30.11 -26.66
N LYS B 112 -10.57 28.80 -26.86
CA LYS B 112 -11.07 28.21 -28.11
C LYS B 112 -12.60 28.04 -28.11
N TYR B 113 -13.16 27.56 -27.00
CA TYR B 113 -14.61 27.28 -26.94
C TYR B 113 -15.38 28.24 -26.03
N GLY B 114 -14.68 29.13 -25.35
CA GLY B 114 -15.30 30.06 -24.42
C GLY B 114 -15.29 29.54 -23.00
N ASP B 115 -15.17 30.46 -22.04
CA ASP B 115 -15.23 30.14 -20.62
C ASP B 115 -16.54 29.47 -20.22
N GLU B 116 -17.65 29.94 -20.80
CA GLU B 116 -18.98 29.34 -20.58
C GLU B 116 -18.99 27.84 -20.86
N GLN B 117 -18.52 27.46 -22.05
CA GLN B 117 -18.48 26.04 -22.44
C GLN B 117 -17.58 25.23 -21.52
N VAL B 118 -16.44 25.81 -21.13
CA VAL B 118 -15.50 25.11 -20.25
C VAL B 118 -16.11 24.90 -18.88
N LEU B 119 -16.73 25.96 -18.35
CA LEU B 119 -17.45 25.89 -17.06
C LEU B 119 -18.54 24.81 -17.08
N VAL B 120 -19.28 24.68 -18.19
CA VAL B 120 -20.25 23.60 -18.32
C VAL B 120 -19.53 22.24 -18.20
N TRP B 121 -18.50 22.04 -19.01
CA TRP B 121 -17.75 20.78 -19.00
C TRP B 121 -17.14 20.47 -17.63
N ARG B 122 -16.67 21.50 -16.93
CA ARG B 122 -16.04 21.31 -15.63
C ARG B 122 -17.03 20.95 -14.52
N ARG B 123 -18.25 21.50 -14.57
CA ARG B 123 -19.16 21.39 -13.43
C ARG B 123 -20.67 21.31 -13.72
N SER B 124 -21.06 21.08 -14.96
CA SER B 124 -22.45 20.70 -15.25
C SER B 124 -22.68 19.28 -14.75
N TYR B 125 -23.61 19.13 -13.79
CA TYR B 125 -23.81 17.83 -13.15
C TYR B 125 -24.12 16.71 -14.15
N ASP B 126 -24.87 17.01 -15.21
CA ASP B 126 -25.39 15.96 -16.09
C ASP B 126 -24.94 16.04 -17.56
N THR B 127 -24.03 16.94 -17.89
CA THR B 127 -23.58 17.06 -19.28
C THR B 127 -22.09 16.74 -19.38
N PRO B 128 -21.74 15.60 -20.01
CA PRO B 128 -20.34 15.20 -20.04
C PRO B 128 -19.52 15.92 -21.11
N PRO B 129 -18.19 15.92 -20.96
CA PRO B 129 -17.36 16.49 -22.01
C PRO B 129 -17.34 15.58 -23.24
N PRO B 130 -16.78 16.08 -24.37
CA PRO B 130 -16.67 15.21 -25.54
C PRO B 130 -15.93 13.94 -25.17
N ALA B 131 -16.36 12.81 -25.73
CA ALA B 131 -15.84 11.50 -25.36
C ALA B 131 -14.58 11.18 -26.14
N LEU B 132 -13.74 10.34 -25.57
CA LEU B 132 -12.63 9.74 -26.32
C LEU B 132 -13.17 8.82 -27.41
N GLU B 133 -12.48 8.81 -28.55
CA GLU B 133 -12.65 7.73 -29.52
C GLU B 133 -12.21 6.43 -28.89
N PRO B 134 -12.90 5.31 -29.23
CA PRO B 134 -12.56 4.01 -28.65
C PRO B 134 -11.08 3.62 -28.83
N GLY B 135 -10.46 4.03 -29.93
CA GLY B 135 -9.06 3.66 -30.21
C GLY B 135 -8.01 4.64 -29.70
N ASP B 136 -8.43 5.61 -28.88
CA ASP B 136 -7.49 6.63 -28.41
C ASP B 136 -6.52 5.97 -27.45
N GLU B 137 -5.26 6.43 -27.46
CA GLU B 137 -4.27 5.90 -26.51
C GLU B 137 -4.67 6.21 -25.06
N ARG B 138 -5.54 7.21 -24.87
CA ARG B 138 -6.01 7.55 -23.54
C ARG B 138 -7.13 6.63 -23.03
N ALA B 139 -7.70 5.78 -23.90
CA ALA B 139 -8.82 4.91 -23.52
C ALA B 139 -8.34 3.80 -22.56
N PRO B 140 -9.26 3.25 -21.74
CA PRO B 140 -8.82 2.42 -20.62
C PRO B 140 -8.73 0.91 -20.89
N TYR B 141 -9.01 0.50 -22.12
CA TYR B 141 -9.29 -0.91 -22.40
C TYR B 141 -8.07 -1.83 -22.28
N ALA B 142 -6.88 -1.32 -22.55
CA ALA B 142 -5.66 -2.12 -22.50
C ALA B 142 -4.90 -1.96 -21.17
N ASP B 143 -5.44 -1.15 -20.26
CA ASP B 143 -4.76 -0.84 -19.00
C ASP B 143 -4.99 -1.96 -17.98
N PRO B 144 -3.91 -2.54 -17.43
CA PRO B 144 -4.12 -3.65 -16.49
C PRO B 144 -4.87 -3.26 -15.22
N ARG B 145 -4.94 -1.97 -14.91
CA ARG B 145 -5.78 -1.48 -13.80
C ARG B 145 -7.23 -1.89 -13.91
N TYR B 146 -7.72 -1.99 -15.14
CA TYR B 146 -9.13 -2.19 -15.44
C TYR B 146 -9.41 -3.52 -16.12
N ALA B 147 -8.44 -4.43 -16.05
CA ALA B 147 -8.51 -5.69 -16.79
C ALA B 147 -9.65 -6.60 -16.38
N LYS B 148 -10.13 -6.48 -15.14
CA LYS B 148 -11.27 -7.25 -14.68
C LYS B 148 -12.57 -6.40 -14.64
N VAL B 149 -12.51 -5.17 -15.15
CA VAL B 149 -13.71 -4.34 -15.25
C VAL B 149 -14.43 -4.67 -16.56
N PRO B 150 -15.74 -4.97 -16.49
CA PRO B 150 -16.54 -5.20 -17.70
C PRO B 150 -16.40 -4.01 -18.65
N ARG B 151 -16.02 -4.31 -19.90
CA ARG B 151 -15.74 -3.25 -20.90
C ARG B 151 -16.84 -2.20 -20.97
N GLU B 152 -18.09 -2.63 -20.80
CA GLU B 152 -19.23 -1.73 -20.91
C GLU B 152 -19.29 -0.71 -19.78
N GLN B 153 -18.73 -1.04 -18.61
CA GLN B 153 -18.76 -0.11 -17.47
C GLN B 153 -17.62 0.90 -17.53
N LEU B 154 -16.67 0.71 -18.44
CA LEU B 154 -15.54 1.62 -18.56
C LEU B 154 -15.90 2.88 -19.36
N PRO B 155 -15.71 4.06 -18.75
CA PRO B 155 -16.07 5.31 -19.43
C PRO B 155 -15.06 5.78 -20.47
N LEU B 156 -15.58 6.44 -21.50
CA LEU B 156 -14.80 7.24 -22.43
C LEU B 156 -15.05 8.73 -22.17
N THR B 157 -16.06 9.02 -21.35
CA THR B 157 -16.29 10.34 -20.76
C THR B 157 -17.22 10.17 -19.56
N GLU B 158 -17.28 11.18 -18.69
CA GLU B 158 -18.18 11.22 -17.53
C GLU B 158 -18.57 12.64 -17.12
N CYS B 159 -19.82 12.79 -16.70
CA CYS B 159 -20.23 13.97 -15.94
C CYS B 159 -20.33 13.51 -14.49
N LEU B 160 -20.43 14.45 -13.55
CA LEU B 160 -20.48 14.09 -12.14
C LEU B 160 -21.57 13.05 -11.83
N LYS B 161 -22.70 13.14 -12.54
CA LYS B 161 -23.79 12.17 -12.36
C LYS B 161 -23.34 10.73 -12.62
N ASP B 162 -22.50 10.56 -13.64
CA ASP B 162 -21.88 9.26 -13.92
C ASP B 162 -20.97 8.85 -12.78
N THR B 163 -20.17 9.79 -12.29
CA THR B 163 -19.23 9.53 -11.23
C THR B 163 -19.94 9.08 -9.94
N VAL B 164 -21.00 9.78 -9.57
CA VAL B 164 -21.82 9.35 -8.44
C VAL B 164 -22.24 7.87 -8.58
N ALA B 165 -22.75 7.48 -9.75
CA ALA B 165 -23.30 6.13 -9.92
C ALA B 165 -22.19 5.09 -9.82
N ARG B 166 -20.97 5.49 -10.20
CA ARG B 166 -19.83 4.58 -10.20
C ARG B 166 -19.16 4.45 -8.82
N VAL B 167 -19.19 5.50 -8.02
CA VAL B 167 -18.70 5.48 -6.64
C VAL B 167 -19.63 4.67 -5.70
N LEU B 168 -20.94 4.83 -5.86
CA LEU B 168 -21.91 4.29 -4.88
C LEU B 168 -21.78 2.79 -4.52
N PRO B 169 -21.54 1.91 -5.50
CA PRO B 169 -21.38 0.50 -5.16
C PRO B 169 -20.22 0.23 -4.20
N LEU B 170 -19.12 0.96 -4.32
CA LEU B 170 -17.99 0.83 -3.39
C LEU B 170 -18.38 1.24 -1.97
N TRP B 171 -19.10 2.36 -1.86
CA TRP B 171 -19.60 2.81 -0.56
C TRP B 171 -20.54 1.78 0.05
N ASN B 172 -21.50 1.34 -0.74
CA ASN B 172 -22.55 0.43 -0.26
C ASN B 172 -22.04 -0.96 0.08
N GLU B 173 -21.13 -1.47 -0.75
CA GLU B 173 -20.68 -2.84 -0.65
C GLU B 173 -19.44 -3.03 0.21
N SER B 174 -18.68 -1.96 0.45
N SER B 174 -18.66 -1.97 0.41
CA SER B 174 -17.40 -2.12 1.13
CA SER B 174 -17.39 -2.10 1.13
C SER B 174 -17.14 -1.10 2.23
C SER B 174 -17.22 -1.10 2.26
N ILE B 175 -17.26 0.19 1.92
CA ILE B 175 -16.91 1.24 2.89
C ILE B 175 -17.96 1.40 4.00
N ALA B 176 -19.23 1.43 3.64
CA ALA B 176 -20.31 1.51 4.65
C ALA B 176 -20.25 0.34 5.64
N PRO B 177 -20.11 -0.91 5.13
CA PRO B 177 -19.94 -2.03 6.05
C PRO B 177 -18.73 -1.93 6.98
N ALA B 178 -17.60 -1.46 6.46
CA ALA B 178 -16.41 -1.26 7.30
C ALA B 178 -16.66 -0.24 8.40
N VAL B 179 -17.30 0.88 8.07
CA VAL B 179 -17.62 1.89 9.08
C VAL B 179 -18.56 1.30 10.13
N LYS B 180 -19.61 0.59 9.70
CA LYS B 180 -20.54 -0.09 10.63
C LYS B 180 -19.86 -1.18 11.47
N ALA B 181 -18.76 -1.75 10.99
CA ALA B 181 -18.04 -2.77 11.75
C ALA B 181 -17.11 -2.17 12.81
N GLY B 182 -17.01 -0.85 12.87
CA GLY B 182 -16.16 -0.17 13.86
C GLY B 182 -14.78 0.19 13.35
N LYS B 183 -14.55 0.03 12.05
CA LYS B 183 -13.26 0.35 11.47
C LYS B 183 -13.13 1.85 11.25
N GLN B 184 -11.94 2.36 11.54
CA GLN B 184 -11.63 3.77 11.37
C GLN B 184 -11.06 3.98 9.95
N VAL B 185 -11.86 4.63 9.11
CA VAL B 185 -11.64 4.66 7.67
C VAL B 185 -11.09 5.99 7.19
N LEU B 186 -10.08 5.90 6.31
CA LEU B 186 -9.60 7.04 5.54
C LEU B 186 -9.84 6.76 4.05
N ILE B 187 -10.33 7.77 3.33
CA ILE B 187 -10.47 7.72 1.89
C ILE B 187 -9.59 8.81 1.26
N ALA B 188 -8.63 8.40 0.44
CA ALA B 188 -7.74 9.32 -0.26
C ALA B 188 -8.07 9.19 -1.74
N ALA B 189 -8.69 10.21 -2.30
CA ALA B 189 -9.16 10.12 -3.68
C ALA B 189 -9.04 11.46 -4.38
N HIS B 190 -10.10 11.86 -5.08
CA HIS B 190 -10.01 12.94 -6.07
C HIS B 190 -11.15 13.92 -5.88
N GLY B 191 -10.99 15.12 -6.44
CA GLY B 191 -11.96 16.19 -6.25
C GLY B 191 -13.37 15.78 -6.60
N ASN B 192 -13.55 15.24 -7.81
CA ASN B 192 -14.90 14.95 -8.28
C ASN B 192 -15.47 13.61 -7.72
N SER B 193 -14.61 12.65 -7.40
CA SER B 193 -15.07 11.39 -6.79
C SER B 193 -15.47 11.61 -5.33
N LEU B 194 -14.78 12.53 -4.66
CA LEU B 194 -15.18 12.99 -3.33
C LEU B 194 -16.42 13.87 -3.35
N ARG B 195 -16.53 14.77 -4.32
CA ARG B 195 -17.75 15.56 -4.46
C ARG B 195 -18.95 14.61 -4.64
N ALA B 196 -18.75 13.56 -5.44
CA ALA B 196 -19.80 12.56 -5.72
C ALA B 196 -20.25 11.83 -4.45
N LEU B 197 -19.30 11.44 -3.62
CA LEU B 197 -19.62 10.73 -2.39
C LEU B 197 -20.31 11.65 -1.38
N ILE B 198 -19.77 12.85 -1.20
CA ILE B 198 -20.36 13.86 -0.32
C ILE B 198 -21.78 14.23 -0.74
N LYS B 199 -21.99 14.33 -2.05
CA LYS B 199 -23.32 14.57 -2.60
C LYS B 199 -24.29 13.51 -2.10
N TYR B 200 -23.86 12.26 -2.14
CA TYR B 200 -24.69 11.18 -1.61
C TYR B 200 -24.84 11.30 -0.08
N LEU B 201 -23.74 11.43 0.67
CA LEU B 201 -23.79 11.47 2.15
C LEU B 201 -24.65 12.61 2.70
N ASP B 202 -24.43 13.82 2.20
CA ASP B 202 -25.18 15.00 2.67
C ASP B 202 -26.52 15.22 1.96
N GLY B 203 -26.90 14.33 1.06
CA GLY B 203 -28.16 14.47 0.32
C GLY B 203 -28.27 15.80 -0.41
N ILE B 204 -27.18 16.19 -1.07
CA ILE B 204 -27.08 17.49 -1.73
C ILE B 204 -27.75 17.36 -3.10
N SER B 205 -28.45 18.41 -3.52
CA SER B 205 -29.17 18.38 -4.79
C SER B 205 -28.21 18.55 -5.96
N ASP B 206 -28.72 18.22 -7.14
CA ASP B 206 -27.97 18.40 -8.39
C ASP B 206 -27.49 19.84 -8.56
N ALA B 207 -28.33 20.82 -8.26
CA ALA B 207 -27.93 22.22 -8.39
C ALA B 207 -26.88 22.62 -7.34
N ASP B 208 -27.14 22.27 -6.09
CA ASP B 208 -26.28 22.70 -4.98
C ASP B 208 -24.86 22.11 -5.02
N ILE B 209 -24.69 20.96 -5.66
CA ILE B 209 -23.39 20.29 -5.69
C ILE B 209 -22.39 20.98 -6.62
N VAL B 210 -22.91 21.74 -7.59
CA VAL B 210 -22.10 22.40 -8.62
C VAL B 210 -21.02 23.33 -8.03
N GLY B 211 -21.34 23.99 -6.91
CA GLY B 211 -20.42 24.94 -6.27
C GLY B 211 -19.41 24.36 -5.28
N LEU B 212 -19.60 23.11 -4.86
CA LEU B 212 -18.70 22.49 -3.89
C LEU B 212 -17.30 22.27 -4.47
N ASN B 213 -16.29 22.86 -3.84
CA ASN B 213 -14.90 22.71 -4.25
C ASN B 213 -14.06 22.12 -3.12
N ILE B 214 -13.15 21.21 -3.45
CA ILE B 214 -12.36 20.55 -2.42
C ILE B 214 -10.87 20.79 -2.69
N PRO B 215 -10.15 21.40 -1.73
CA PRO B 215 -8.72 21.70 -1.92
C PRO B 215 -7.82 20.46 -1.88
N ASN B 216 -6.63 20.57 -2.49
CA ASN B 216 -5.63 19.51 -2.44
C ASN B 216 -5.15 19.26 -1.01
N GLY B 217 -5.13 18.00 -0.60
CA GLY B 217 -4.39 17.60 0.60
C GLY B 217 -4.82 18.13 1.96
N VAL B 218 -6.12 18.40 2.12
CA VAL B 218 -6.68 18.86 3.39
C VAL B 218 -7.67 17.78 3.91
N PRO B 219 -7.43 17.25 5.14
CA PRO B 219 -8.34 16.26 5.70
C PRO B 219 -9.72 16.82 5.94
N LEU B 220 -10.74 16.14 5.44
CA LEU B 220 -12.13 16.56 5.66
C LEU B 220 -12.82 15.50 6.51
N VAL B 221 -13.26 15.88 7.70
CA VAL B 221 -13.79 14.92 8.67
C VAL B 221 -15.30 14.91 8.65
N TYR B 222 -15.89 13.74 8.45
CA TYR B 222 -17.33 13.58 8.63
C TYR B 222 -17.62 12.83 9.91
N GLU B 223 -18.52 13.40 10.73
CA GLU B 223 -19.11 12.70 11.86
C GLU B 223 -20.45 12.14 11.40
N LEU B 224 -20.64 10.82 11.56
CA LEU B 224 -21.83 10.12 11.09
C LEU B 224 -22.55 9.41 12.24
N ASP B 225 -23.89 9.44 12.22
CA ASP B 225 -24.71 8.78 13.24
C ASP B 225 -24.89 7.29 12.95
N GLU B 226 -25.73 6.62 13.75
CA GLU B 226 -25.91 5.17 13.67
C GLU B 226 -26.32 4.64 12.31
N SER B 227 -27.07 5.43 11.54
CA SER B 227 -27.48 5.01 10.20
C SER B 227 -26.55 5.60 9.10
N LEU B 228 -25.39 6.10 9.52
CA LEU B 228 -24.40 6.73 8.64
C LEU B 228 -24.85 8.05 7.98
N THR B 229 -25.84 8.72 8.59
CA THR B 229 -26.24 10.07 8.19
C THR B 229 -25.36 11.08 8.88
N PRO B 230 -24.73 12.00 8.13
CA PRO B 230 -23.86 13.03 8.70
C PRO B 230 -24.49 13.84 9.85
N ILE B 231 -23.72 14.10 10.89
CA ILE B 231 -24.11 14.98 11.99
C ILE B 231 -23.54 16.36 11.73
N ARG B 232 -22.23 16.40 11.51
CA ARG B 232 -21.52 17.60 11.09
C ARG B 232 -20.35 17.18 10.18
N HIS B 233 -19.66 18.16 9.62
CA HIS B 233 -18.38 17.92 8.95
C HIS B 233 -17.50 19.15 9.05
N TYR B 234 -16.19 18.97 8.95
CA TYR B 234 -15.21 20.05 9.08
C TYR B 234 -13.81 19.68 8.55
N TYR B 235 -13.10 20.68 8.01
CA TYR B 235 -11.70 20.50 7.66
C TYR B 235 -10.83 20.56 8.92
N LEU B 236 -9.72 19.84 8.92
CA LEU B 236 -8.69 19.99 9.95
C LEU B 236 -7.63 21.01 9.49
N GLY B 237 -7.08 21.75 10.45
CA GLY B 237 -6.04 22.77 10.17
C GLY B 237 -6.57 24.19 10.22
N ASP B 238 -5.88 25.10 9.55
CA ASP B 238 -6.26 26.52 9.49
C ASP B 238 -7.43 26.74 8.53
#